data_9BX5
#
_entry.id   9BX5
#
_cell.length_a   67.657
_cell.length_b   69.389
_cell.length_c   95.102
_cell.angle_alpha   90.000
_cell.angle_beta   90.000
_cell.angle_gamma   90.000
#
_symmetry.space_group_name_H-M   'P 21 2 21'
#
loop_
_entity.id
_entity.type
_entity.pdbx_description
1 polymer '8C1 Fab Heavy Chain'
2 polymer '8C1 Fab Light Chain'
3 polymer 'P4 peptide from Outer surface protein C'
4 non-polymer 'CHLORIDE ION'
5 non-polymer 1,2-ETHANEDIOL
6 water water
#
loop_
_entity_poly.entity_id
_entity_poly.type
_entity_poly.pdbx_seq_one_letter_code
_entity_poly.pdbx_strand_id
1 'polypeptide(L)'
;EVQLQQSGPELVKPGASVKISCKTSGYTFSNSWMNWVKQRPGQGLEWIGRIYPGDGDTNYNGKFKDKATLTTDKSSSTAY
MRLSSLTSVDSAVYFCARSLFDYWGQGTTLTVSSASTKGPSVFPLAPSSKSTSGGTAALGCLVKDYFPEPVTVSWNSGAL
TSGVHTFPAVLQSSGLYSLSSVVTVPSSSLGTQTYICNVNHKPSNTKVDKRVEPKSCDKTH
;
H
2 'polypeptide(L)'
;DVVMTQTPLTLSVTIGQPASISCKSSQSLLDSDGKTYLIWLLQRPGQSPKRLIYLVSKLDSGVPDRFTGSGSGTDFTLKI
SRVEAEDLGVYYCCQGTHFPFTFGVGTKLELKRTVAAPSVFIFPPSDEQLKSGTASVVCLLNNFYPREAKVQWKVDNALQ
SGNSQESVTEQDSKDSTYSLSSTLTLSKADYEKHKVYACEVTHQGLSSPVTKSFNRGEC
;
L
3 'polypeptide(L)' KHTD P
#
# COMPACT_ATOMS: atom_id res chain seq x y z
N GLU A 1 10.62 -26.27 11.18
CA GLU A 1 10.70 -25.06 10.34
C GLU A 1 10.98 -23.82 11.19
N VAL A 2 11.77 -22.91 10.63
CA VAL A 2 12.01 -21.63 11.27
C VAL A 2 10.74 -20.78 11.24
N GLN A 3 10.42 -20.15 12.36
CA GLN A 3 9.32 -19.19 12.43
C GLN A 3 9.70 -17.99 13.28
N LEU A 4 9.38 -16.80 12.78
CA LEU A 4 9.54 -15.53 13.48
C LEU A 4 8.14 -14.98 13.70
N GLN A 5 7.75 -14.79 14.96
CA GLN A 5 6.40 -14.33 15.35
C GLN A 5 6.50 -12.98 16.07
N GLN A 6 5.98 -11.95 15.43
CA GLN A 6 6.06 -10.61 15.99
C GLN A 6 4.87 -10.26 16.85
N SER A 7 5.08 -9.29 17.73
CA SER A 7 4.01 -8.75 18.55
C SER A 7 3.00 -7.99 17.68
N GLY A 8 1.85 -7.66 18.30
CA GLY A 8 0.69 -7.12 17.61
C GLY A 8 0.79 -5.63 17.34
N PRO A 9 -0.26 -5.10 16.70
CA PRO A 9 -0.20 -3.70 16.25
C PRO A 9 -0.14 -2.72 17.41
N GLU A 10 0.48 -1.57 17.16
CA GLU A 10 0.66 -0.55 18.18
C GLU A 10 0.13 0.77 17.66
N LEU A 11 -0.54 1.51 18.55
CA LEU A 11 -1.04 2.86 18.28
C LEU A 11 -0.54 3.70 19.45
N VAL A 12 0.29 4.69 19.17
CA VAL A 12 0.88 5.52 20.21
C VAL A 12 0.87 6.98 19.80
N LYS A 13 1.07 7.84 20.77
CA LYS A 13 1.12 9.27 20.56
C LYS A 13 2.54 9.72 20.25
N PRO A 14 2.67 10.82 19.50
CA PRO A 14 4.00 11.39 19.25
C PRO A 14 4.73 11.64 20.56
N GLY A 15 6.04 11.43 20.53
CA GLY A 15 6.88 11.56 21.70
C GLY A 15 6.99 10.30 22.53
N ALA A 16 6.08 9.35 22.36
CA ALA A 16 6.14 8.10 23.10
C ALA A 16 7.26 7.22 22.54
N SER A 17 7.49 6.09 23.20
CA SER A 17 8.36 5.04 22.69
C SER A 17 7.56 3.75 22.61
N VAL A 18 8.06 2.80 21.84
CA VAL A 18 7.43 1.50 21.75
C VAL A 18 8.54 0.46 21.60
N LYS A 19 8.27 -0.75 22.09
CA LYS A 19 9.16 -1.89 21.97
C LYS A 19 8.41 -3.03 21.29
N ILE A 20 8.89 -3.41 20.11
CA ILE A 20 8.30 -4.49 19.34
C ILE A 20 9.13 -5.75 19.52
N SER A 21 8.46 -6.90 19.60
CA SER A 21 9.15 -8.17 19.78
C SER A 21 9.03 -9.11 18.59
N CYS A 22 10.01 -10.03 18.53
CA CYS A 22 10.14 -11.04 17.47
C CYS A 22 10.54 -12.35 18.18
N LYS A 23 9.57 -13.22 18.40
CA LYS A 23 9.79 -14.49 19.12
C LYS A 23 10.10 -15.56 18.08
N THR A 24 11.22 -16.25 18.24
CA THR A 24 11.68 -17.22 17.26
C THR A 24 11.52 -18.64 17.77
N SER A 25 11.47 -19.55 16.79
CA SER A 25 11.40 -20.97 17.03
C SER A 25 11.99 -21.71 15.84
N GLY A 26 12.41 -22.95 16.09
CA GLY A 26 12.86 -23.82 15.02
C GLY A 26 14.33 -23.71 14.66
N TYR A 27 15.12 -22.93 15.41
CA TYR A 27 16.56 -22.87 15.21
C TYR A 27 17.20 -22.34 16.49
N THR A 28 18.53 -22.40 16.54
CA THR A 28 19.26 -21.90 17.71
C THR A 28 19.34 -20.37 17.65
N PHE A 29 18.51 -19.71 18.46
CA PHE A 29 18.35 -18.26 18.40
C PHE A 29 19.67 -17.52 18.55
N SER A 30 20.53 -17.96 19.47
CA SER A 30 21.72 -17.20 19.79
C SER A 30 22.68 -17.09 18.61
N ASN A 31 22.56 -17.98 17.61
CA ASN A 31 23.61 -18.17 16.62
C ASN A 31 23.27 -17.61 15.24
N SER A 32 22.21 -16.81 15.12
CA SER A 32 21.90 -16.17 13.86
C SER A 32 21.65 -14.68 14.07
N TRP A 33 22.19 -13.86 13.18
CA TRP A 33 21.84 -12.45 13.17
C TRP A 33 20.33 -12.25 13.06
N MET A 34 19.83 -11.21 13.71
CA MET A 34 18.45 -10.76 13.51
C MET A 34 18.46 -9.34 12.98
N ASN A 35 17.85 -9.14 11.80
CA ASN A 35 17.69 -7.82 11.19
C ASN A 35 16.31 -7.27 11.50
N TRP A 36 16.20 -5.95 11.42
CA TRP A 36 14.92 -5.27 11.41
C TRP A 36 14.81 -4.38 10.18
N VAL A 37 13.61 -4.29 9.64
CA VAL A 37 13.31 -3.64 8.38
C VAL A 37 12.06 -2.79 8.56
N LYS A 38 12.07 -1.59 7.99
CA LYS A 38 10.94 -0.66 7.99
C LYS A 38 10.30 -0.56 6.62
N GLN A 39 8.96 -0.50 6.58
CA GLN A 39 8.21 -0.26 5.36
C GLN A 39 7.11 0.79 5.62
N ARG A 40 7.35 2.02 5.16
CA ARG A 40 6.35 3.09 5.26
C ARG A 40 5.16 2.78 4.35
N PRO A 41 3.96 3.27 4.67
CA PRO A 41 2.77 2.93 3.88
C PRO A 41 2.97 3.25 2.41
N GLY A 42 2.75 2.24 1.55
CA GLY A 42 2.89 2.39 0.12
C GLY A 42 4.30 2.48 -0.41
N GLN A 43 5.31 2.29 0.44
CA GLN A 43 6.70 2.54 0.07
C GLN A 43 7.48 1.22 0.13
N GLY A 44 8.79 1.32 -0.06
CA GLY A 44 9.66 0.16 -0.10
C GLY A 44 10.24 -0.19 1.25
N LEU A 45 11.13 -1.18 1.22
CA LEU A 45 11.80 -1.70 2.39
C LEU A 45 13.06 -0.90 2.72
N GLU A 46 13.30 -0.70 4.02
CA GLU A 46 14.48 0.02 4.53
C GLU A 46 15.13 -0.83 5.63
N TRP A 47 16.47 -0.95 5.62
CA TRP A 47 17.16 -1.71 6.66
C TRP A 47 17.45 -0.81 7.85
N ILE A 48 17.07 -1.26 9.04
CA ILE A 48 17.32 -0.50 10.27
C ILE A 48 18.66 -0.90 10.88
N GLY A 49 18.89 -2.20 10.99
CA GLY A 49 20.09 -2.73 11.59
C GLY A 49 19.93 -4.20 11.94
N ARG A 50 20.95 -4.72 12.61
CA ARG A 50 20.94 -6.12 13.00
C ARG A 50 21.67 -6.32 14.32
N ILE A 51 21.34 -7.43 14.98
CA ILE A 51 21.97 -7.80 16.25
C ILE A 51 22.32 -9.28 16.22
N TYR A 52 23.47 -9.63 16.78
CA TYR A 52 23.89 -11.02 16.94
C TYR A 52 23.58 -11.44 18.37
N PRO A 53 22.59 -12.28 18.62
CA PRO A 53 22.13 -12.42 20.02
C PRO A 53 23.16 -13.01 20.96
N GLY A 54 24.03 -13.90 20.46
CA GLY A 54 25.00 -14.55 21.32
C GLY A 54 25.84 -13.56 22.12
N ASP A 55 26.26 -12.46 21.51
CA ASP A 55 27.11 -11.51 22.21
C ASP A 55 26.63 -10.06 22.16
N GLY A 56 25.47 -9.79 21.58
CA GLY A 56 24.98 -8.43 21.57
C GLY A 56 25.58 -7.52 20.52
N ASP A 57 26.43 -8.04 19.65
CA ASP A 57 27.02 -7.19 18.62
C ASP A 57 25.94 -6.65 17.68
N THR A 58 26.10 -5.39 17.27
CA THR A 58 25.09 -4.73 16.44
C THR A 58 25.75 -3.98 15.28
N ASN A 59 24.97 -3.81 14.22
CA ASN A 59 25.28 -2.94 13.09
C ASN A 59 24.03 -2.15 12.78
N TYR A 60 24.12 -0.82 12.75
CA TYR A 60 22.97 0.03 12.47
C TYR A 60 23.14 0.78 11.17
N ASN A 61 22.02 1.00 10.49
CA ASN A 61 21.93 2.07 9.50
C ASN A 61 21.99 3.40 10.24
N GLY A 62 22.95 4.26 9.87
CA GLY A 62 23.08 5.56 10.54
C GLY A 62 21.80 6.37 10.56
N LYS A 63 20.93 6.19 9.55
CA LYS A 63 19.65 6.88 9.54
C LYS A 63 18.85 6.58 10.80
N PHE A 64 19.04 5.40 11.39
CA PHE A 64 18.24 4.94 12.52
C PHE A 64 19.01 4.85 13.83
N LYS A 65 20.28 5.26 13.88
CA LYS A 65 21.09 4.99 15.07
C LYS A 65 20.58 5.73 16.32
N ASP A 66 19.85 6.84 16.15
CA ASP A 66 19.29 7.60 17.26
C ASP A 66 17.83 7.28 17.53
N LYS A 67 17.22 6.46 16.70
CA LYS A 67 15.81 6.11 16.76
C LYS A 67 15.56 4.71 17.28
N ALA A 68 16.36 3.75 16.84
CA ALA A 68 16.13 2.33 17.10
C ALA A 68 17.20 1.79 18.02
N THR A 69 16.80 0.91 18.92
CA THR A 69 17.71 0.19 19.79
C THR A 69 17.33 -1.28 19.75
N LEU A 70 18.29 -2.11 19.35
CA LEU A 70 18.11 -3.55 19.26
C LEU A 70 18.66 -4.23 20.51
N THR A 71 17.85 -5.15 21.05
CA THR A 71 18.24 -5.98 22.17
C THR A 71 17.72 -7.39 21.94
N THR A 72 18.13 -8.33 22.80
CA THR A 72 17.55 -9.66 22.78
C THR A 72 17.37 -10.21 24.20
N ASP A 73 16.50 -11.22 24.31
CA ASP A 73 16.33 -12.05 25.50
C ASP A 73 16.57 -13.49 25.05
N LYS A 74 17.81 -13.97 25.21
CA LYS A 74 18.13 -15.31 24.75
C LYS A 74 17.30 -16.36 25.47
N SER A 75 16.96 -16.12 26.75
CA SER A 75 16.26 -17.17 27.48
C SER A 75 14.85 -17.40 26.97
N SER A 76 14.28 -16.45 26.22
CA SER A 76 12.97 -16.63 25.62
C SER A 76 13.05 -16.60 24.11
N SER A 77 14.25 -16.70 23.55
CA SER A 77 14.48 -16.68 22.09
C SER A 77 13.77 -15.53 21.38
N THR A 78 13.85 -14.34 21.96
CA THR A 78 13.09 -13.20 21.48
C THR A 78 14.01 -12.03 21.24
N ALA A 79 13.85 -11.40 20.10
CA ALA A 79 14.55 -10.19 19.72
C ALA A 79 13.61 -9.00 19.88
N TYR A 80 14.17 -7.86 20.25
CA TYR A 80 13.40 -6.66 20.46
C TYR A 80 13.96 -5.47 19.71
N MET A 81 13.07 -4.63 19.24
CA MET A 81 13.38 -3.29 18.75
C MET A 81 12.59 -2.24 19.49
N ARG A 82 13.31 -1.30 20.10
CA ARG A 82 12.72 -0.13 20.73
C ARG A 82 12.88 1.06 19.77
N LEU A 83 11.78 1.79 19.55
CA LEU A 83 11.78 2.98 18.73
C LEU A 83 11.39 4.14 19.63
N SER A 84 12.22 5.18 19.67
N SER A 84 12.19 5.20 19.63
CA SER A 84 12.11 6.25 20.64
CA SER A 84 12.04 6.24 20.63
C SER A 84 11.62 7.54 20.01
C SER A 84 11.66 7.57 20.00
N SER A 85 11.19 8.46 20.88
CA SER A 85 10.74 9.80 20.50
C SER A 85 9.96 9.79 19.19
N LEU A 86 8.83 9.10 19.22
CA LEU A 86 8.15 8.78 17.99
C LEU A 86 7.47 9.99 17.37
N THR A 87 7.49 10.02 16.05
CA THR A 87 6.79 11.00 15.26
C THR A 87 6.00 10.28 14.16
N SER A 88 5.22 11.07 13.43
CA SER A 88 4.34 10.52 12.40
C SER A 88 5.11 9.66 11.39
N VAL A 89 6.32 10.09 11.02
CA VAL A 89 7.09 9.40 10.01
C VAL A 89 7.56 8.03 10.46
N ASP A 90 7.48 7.73 11.76
CA ASP A 90 7.78 6.40 12.26
C ASP A 90 6.63 5.42 12.06
N SER A 91 5.45 5.90 11.66
CA SER A 91 4.36 5.00 11.30
C SER A 91 4.77 4.14 10.11
N ALA A 92 4.67 2.83 10.27
CA ALA A 92 5.16 1.91 9.26
C ALA A 92 4.81 0.50 9.69
N VAL A 93 5.04 -0.45 8.80
CA VAL A 93 5.14 -1.85 9.18
C VAL A 93 6.61 -2.16 9.41
N TYR A 94 6.91 -2.82 10.51
CA TYR A 94 8.27 -3.24 10.86
C TYR A 94 8.34 -4.75 10.83
N PHE A 95 9.39 -5.26 10.20
CA PHE A 95 9.61 -6.68 10.11
C PHE A 95 10.91 -7.05 10.82
N CYS A 96 10.92 -8.18 11.49
CA CYS A 96 12.19 -8.83 11.78
C CYS A 96 12.49 -9.86 10.68
N ALA A 97 13.76 -10.05 10.40
CA ALA A 97 14.19 -10.99 9.36
C ALA A 97 15.55 -11.54 9.74
N ARG A 98 15.69 -12.87 9.65
CA ARG A 98 16.91 -13.53 10.13
C ARG A 98 18.03 -13.51 9.09
N SER A 99 19.28 -13.49 9.57
CA SER A 99 20.49 -13.81 8.78
C SER A 99 20.48 -13.02 7.46
N LEU A 100 20.70 -13.66 6.32
CA LEU A 100 20.69 -12.94 5.04
C LEU A 100 19.24 -12.83 4.51
N PHE A 101 18.41 -12.23 5.37
CA PHE A 101 16.99 -12.06 5.14
C PHE A 101 16.33 -13.36 4.68
N ASP A 102 16.69 -14.48 5.32
CA ASP A 102 16.24 -15.79 4.83
C ASP A 102 14.88 -16.21 5.35
N TYR A 103 14.45 -15.69 6.51
CA TYR A 103 13.14 -15.92 7.09
C TYR A 103 12.66 -14.59 7.69
N TRP A 104 11.40 -14.32 7.49
CA TRP A 104 10.78 -13.06 7.89
C TRP A 104 9.63 -13.27 8.85
N GLY A 105 9.49 -12.32 9.79
CA GLY A 105 8.29 -12.22 10.60
C GLY A 105 7.12 -11.75 9.78
N GLN A 106 5.93 -11.79 10.40
CA GLN A 106 4.72 -11.41 9.69
C GLN A 106 4.50 -9.89 9.64
N GLY A 107 5.31 -9.11 10.34
CA GLY A 107 5.20 -7.68 10.41
C GLY A 107 4.42 -7.21 11.62
N THR A 108 4.75 -6.01 12.07
CA THR A 108 4.04 -5.26 13.12
C THR A 108 3.69 -3.88 12.60
N THR A 109 2.41 -3.48 12.68
CA THR A 109 2.03 -2.16 12.22
C THR A 109 2.10 -1.21 13.41
N LEU A 110 2.83 -0.11 13.22
CA LEU A 110 2.91 0.99 14.17
C LEU A 110 2.24 2.21 13.57
N THR A 111 1.31 2.79 14.32
CA THR A 111 0.66 4.05 13.96
C THR A 111 1.01 5.05 15.05
N VAL A 112 1.62 6.16 14.66
CA VAL A 112 1.93 7.26 15.56
C VAL A 112 1.04 8.43 15.21
N SER A 113 0.23 8.89 16.17
CA SER A 113 -0.75 9.92 15.89
C SER A 113 -1.20 10.57 17.18
N SER A 114 -1.49 11.86 17.11
CA SER A 114 -2.09 12.57 18.22
C SER A 114 -3.61 12.47 18.21
N ALA A 115 -4.20 11.86 17.18
CA ALA A 115 -5.66 11.83 17.07
C ALA A 115 -6.29 10.95 18.14
N SER A 116 -7.54 11.28 18.50
CA SER A 116 -8.35 10.46 19.38
C SER A 116 -9.31 9.57 18.58
N THR A 117 -9.70 8.45 19.19
CA THR A 117 -10.70 7.57 18.59
C THR A 117 -11.94 8.36 18.20
N LYS A 118 -12.36 8.20 16.94
CA LYS A 118 -13.50 8.92 16.41
C LYS A 118 -14.17 8.11 15.31
N GLY A 119 -15.50 7.96 15.39
CA GLY A 119 -16.24 7.29 14.35
C GLY A 119 -16.44 8.19 13.15
N PRO A 120 -16.72 7.58 11.99
CA PRO A 120 -16.92 8.34 10.76
C PRO A 120 -18.28 9.00 10.68
N SER A 121 -18.33 10.04 9.86
CA SER A 121 -19.56 10.50 9.25
C SER A 121 -19.70 9.82 7.90
N VAL A 122 -20.92 9.47 7.54
CA VAL A 122 -21.21 8.72 6.32
C VAL A 122 -22.12 9.56 5.43
N PHE A 123 -21.62 9.91 4.25
CA PHE A 123 -22.33 10.77 3.34
C PHE A 123 -22.61 10.05 2.03
N PRO A 124 -23.76 10.29 1.42
CA PRO A 124 -24.04 9.62 0.15
C PRO A 124 -23.31 10.24 -1.02
N LEU A 125 -22.95 9.38 -1.96
CA LEU A 125 -22.51 9.77 -3.29
C LEU A 125 -23.67 9.35 -4.21
N ALA A 126 -24.58 10.28 -4.46
CA ALA A 126 -25.85 9.95 -5.09
C ALA A 126 -25.65 9.71 -6.59
N PRO A 127 -26.39 8.76 -7.17
CA PRO A 127 -26.29 8.55 -8.61
C PRO A 127 -26.80 9.77 -9.37
N SER A 128 -26.03 10.14 -10.39
CA SER A 128 -26.38 11.25 -11.27
C SER A 128 -27.75 11.04 -11.88
N SER A 129 -28.34 12.15 -12.33
CA SER A 129 -29.61 12.16 -13.04
C SER A 129 -29.41 12.44 -14.53
N GLY A 134 -24.87 4.56 -21.14
CA GLY A 134 -24.76 3.15 -21.47
C GLY A 134 -25.52 2.22 -20.54
N GLY A 135 -26.47 2.79 -19.80
CA GLY A 135 -27.33 2.00 -18.94
C GLY A 135 -26.77 1.68 -17.57
N THR A 136 -25.63 2.28 -17.19
CA THR A 136 -24.94 2.01 -15.95
C THR A 136 -24.80 3.30 -15.15
N ALA A 137 -25.11 3.22 -13.85
CA ALA A 137 -24.98 4.34 -12.94
C ALA A 137 -23.99 3.99 -11.83
N ALA A 138 -23.31 5.01 -11.32
CA ALA A 138 -22.44 4.87 -10.17
C ALA A 138 -23.01 5.60 -8.96
N LEU A 139 -22.89 4.95 -7.80
CA LEU A 139 -23.27 5.55 -6.53
C LEU A 139 -22.28 5.08 -5.46
N GLY A 140 -22.34 5.69 -4.29
CA GLY A 140 -21.39 5.31 -3.27
C GLY A 140 -21.68 5.95 -1.93
N CYS A 141 -20.74 5.72 -1.02
N CYS A 141 -20.75 5.74 -0.99
CA CYS A 141 -20.72 6.34 0.29
CA CYS A 141 -20.81 6.44 0.27
C CYS A 141 -19.32 6.90 0.55
C CYS A 141 -19.40 6.85 0.67
N LEU A 142 -19.28 8.13 1.05
CA LEU A 142 -18.07 8.75 1.54
C LEU A 142 -18.03 8.58 3.05
N VAL A 143 -16.96 7.96 3.55
CA VAL A 143 -16.82 7.58 4.95
C VAL A 143 -15.69 8.45 5.49
N LYS A 144 -16.05 9.53 6.17
CA LYS A 144 -15.10 10.62 6.40
C LYS A 144 -14.81 10.83 7.88
N ASP A 145 -13.55 11.13 8.15
CA ASP A 145 -13.08 11.69 9.43
C ASP A 145 -13.19 10.70 10.56
N TYR A 146 -12.54 9.53 10.43
CA TYR A 146 -12.50 8.53 11.47
C TYR A 146 -11.06 8.23 11.88
N PHE A 147 -10.94 7.65 13.07
CA PHE A 147 -9.64 7.25 13.57
C PHE A 147 -9.83 6.19 14.64
N PRO A 148 -8.99 5.14 14.70
CA PRO A 148 -7.96 4.74 13.75
C PRO A 148 -8.57 3.92 12.64
N GLU A 149 -7.75 3.43 11.72
CA GLU A 149 -8.20 2.43 10.78
C GLU A 149 -8.50 1.13 11.53
N PRO A 150 -9.34 0.26 10.94
CA PRO A 150 -10.02 0.38 9.65
C PRO A 150 -11.49 0.67 9.81
N VAL A 151 -12.12 1.11 8.73
CA VAL A 151 -13.57 0.99 8.56
C VAL A 151 -13.80 -0.11 7.54
N THR A 152 -14.97 -0.73 7.60
CA THR A 152 -15.40 -1.65 6.58
C THR A 152 -16.73 -1.18 6.02
N VAL A 153 -16.97 -1.52 4.75
CA VAL A 153 -18.18 -1.13 4.04
C VAL A 153 -18.70 -2.35 3.31
N SER A 154 -19.99 -2.63 3.48
CA SER A 154 -20.74 -3.56 2.64
C SER A 154 -21.92 -2.83 2.04
N TRP A 155 -22.56 -3.48 1.07
CA TRP A 155 -23.72 -2.92 0.39
C TRP A 155 -24.88 -3.90 0.53
N ASN A 156 -26.05 -3.35 0.87
CA ASN A 156 -27.28 -4.12 0.99
C ASN A 156 -27.08 -5.36 1.84
N SER A 157 -26.43 -5.14 2.99
CA SER A 157 -26.13 -6.19 3.96
C SER A 157 -25.51 -7.43 3.31
N GLY A 158 -24.64 -7.20 2.34
CA GLY A 158 -23.92 -8.27 1.69
C GLY A 158 -24.52 -8.75 0.40
N ALA A 159 -25.75 -8.33 0.08
CA ALA A 159 -26.40 -8.84 -1.10
C ALA A 159 -25.87 -8.22 -2.38
N LEU A 160 -25.16 -7.10 -2.27
CA LEU A 160 -24.57 -6.42 -3.42
C LEU A 160 -23.06 -6.41 -3.24
N THR A 161 -22.38 -7.17 -4.10
CA THR A 161 -20.93 -7.19 -4.09
C THR A 161 -20.31 -7.00 -5.47
N SER A 162 -21.01 -7.40 -6.52
N SER A 162 -21.01 -7.40 -6.52
CA SER A 162 -20.51 -7.21 -7.88
CA SER A 162 -20.51 -7.21 -7.87
C SER A 162 -20.35 -5.72 -8.18
C SER A 162 -20.35 -5.72 -8.15
N GLY A 163 -19.19 -5.34 -8.68
CA GLY A 163 -18.96 -3.98 -9.07
C GLY A 163 -18.66 -3.03 -7.93
N VAL A 164 -18.47 -3.52 -6.71
CA VAL A 164 -18.13 -2.68 -5.57
C VAL A 164 -16.62 -2.43 -5.56
N HIS A 165 -16.24 -1.18 -5.34
CA HIS A 165 -14.84 -0.81 -5.09
C HIS A 165 -14.80 -0.01 -3.80
N THR A 166 -14.12 -0.53 -2.78
CA THR A 166 -13.86 0.19 -1.55
C THR A 166 -12.40 0.58 -1.57
N PHE A 167 -12.15 1.86 -1.61
CA PHE A 167 -10.82 2.38 -1.84
C PHE A 167 -10.01 2.35 -0.56
N PRO A 168 -8.69 2.23 -0.69
CA PRO A 168 -7.84 2.41 0.48
C PRO A 168 -8.11 3.77 1.15
N ALA A 169 -8.00 3.77 2.46
CA ALA A 169 -8.11 5.02 3.19
C ALA A 169 -6.97 5.98 2.87
N VAL A 170 -7.28 7.26 2.95
CA VAL A 170 -6.27 8.32 2.90
C VAL A 170 -6.22 9.04 4.23
N LEU A 171 -4.99 9.31 4.68
CA LEU A 171 -4.75 10.07 5.90
C LEU A 171 -4.81 11.55 5.55
N GLN A 172 -5.76 12.26 6.15
CA GLN A 172 -5.86 13.70 5.94
C GLN A 172 -4.87 14.46 6.85
N SER A 173 -4.57 15.70 6.47
CA SER A 173 -3.67 16.54 7.29
C SER A 173 -4.20 16.73 8.69
N SER A 174 -5.51 16.57 8.88
CA SER A 174 -6.16 16.61 10.18
C SER A 174 -5.78 15.46 11.09
N GLY A 175 -5.15 14.41 10.55
CA GLY A 175 -4.87 13.21 11.31
C GLY A 175 -5.97 12.17 11.24
N LEU A 176 -7.09 12.49 10.63
CA LEU A 176 -8.19 11.55 10.49
C LEU A 176 -8.20 10.94 9.09
N TYR A 177 -8.79 9.75 8.99
CA TYR A 177 -8.85 9.02 7.73
C TYR A 177 -10.17 9.28 7.02
N SER A 178 -10.15 9.03 5.71
N SER A 178 -10.16 9.06 5.71
CA SER A 178 -11.34 9.10 4.87
CA SER A 178 -11.37 9.09 4.90
C SER A 178 -11.22 8.07 3.75
C SER A 178 -11.23 8.10 3.76
N LEU A 179 -12.36 7.51 3.36
CA LEU A 179 -12.37 6.71 2.15
C LEU A 179 -13.76 6.76 1.54
N SER A 180 -13.86 6.32 0.30
CA SER A 180 -15.14 6.11 -0.36
C SER A 180 -15.26 4.66 -0.78
N SER A 181 -16.51 4.20 -0.81
CA SER A 181 -16.90 2.93 -1.38
C SER A 181 -17.94 3.23 -2.46
N VAL A 182 -17.73 2.68 -3.66
CA VAL A 182 -18.59 2.93 -4.80
C VAL A 182 -19.06 1.60 -5.37
N VAL A 183 -20.14 1.69 -6.14
CA VAL A 183 -20.65 0.54 -6.87
C VAL A 183 -21.32 1.05 -8.14
N THR A 184 -21.24 0.25 -9.19
CA THR A 184 -21.98 0.52 -10.42
C THR A 184 -23.15 -0.45 -10.52
N VAL A 185 -24.29 0.08 -10.94
CA VAL A 185 -25.53 -0.67 -10.97
C VAL A 185 -26.32 -0.28 -12.21
N PRO A 186 -27.32 -1.08 -12.58
CA PRO A 186 -28.16 -0.69 -13.72
C PRO A 186 -28.92 0.60 -13.44
N SER A 187 -28.84 1.53 -14.41
CA SER A 187 -29.64 2.75 -14.32
C SER A 187 -31.12 2.43 -14.12
N SER A 188 -31.63 1.37 -14.77
CA SER A 188 -33.04 1.01 -14.64
C SER A 188 -33.42 0.50 -13.26
N SER A 189 -32.46 0.24 -12.38
CA SER A 189 -32.80 -0.23 -11.05
C SER A 189 -32.98 0.92 -10.07
N LEU A 190 -32.67 2.14 -10.48
CA LEU A 190 -32.54 3.23 -9.49
C LEU A 190 -33.88 3.58 -8.87
N GLY A 191 -34.97 3.44 -9.61
CA GLY A 191 -36.27 3.77 -9.07
C GLY A 191 -36.92 2.69 -8.24
N THR A 192 -36.35 1.48 -8.22
CA THR A 192 -37.01 0.31 -7.65
C THR A 192 -36.15 -0.54 -6.72
N GLN A 193 -34.83 -0.41 -6.75
CA GLN A 193 -33.95 -1.14 -5.85
C GLN A 193 -33.34 -0.16 -4.87
N THR A 194 -33.46 -0.45 -3.57
CA THR A 194 -32.82 0.38 -2.55
C THR A 194 -31.34 0.03 -2.48
N TYR A 195 -30.50 1.04 -2.26
CA TYR A 195 -29.06 0.85 -2.09
C TYR A 195 -28.65 1.46 -0.76
N ILE A 196 -28.05 0.64 0.09
CA ILE A 196 -27.70 1.02 1.46
C ILE A 196 -26.25 0.60 1.70
N CYS A 197 -25.42 1.52 2.15
N CYS A 197 -25.46 1.51 2.26
CA CYS A 197 -24.07 1.14 2.53
CA CYS A 197 -24.04 1.31 2.56
C CYS A 197 -24.03 0.90 4.03
C CYS A 197 -23.89 1.02 4.06
N ASN A 198 -23.39 -0.19 4.40
CA ASN A 198 -23.31 -0.67 5.77
C ASN A 198 -21.89 -0.42 6.23
N VAL A 199 -21.72 0.56 7.10
CA VAL A 199 -20.40 1.01 7.53
C VAL A 199 -20.17 0.56 8.95
N ASN A 200 -19.01 -0.06 9.20
CA ASN A 200 -18.64 -0.49 10.55
C ASN A 200 -17.26 0.07 10.90
N HIS A 201 -17.18 0.76 12.03
CA HIS A 201 -15.90 1.22 12.59
C HIS A 201 -15.77 0.64 14.00
N LYS A 202 -15.17 -0.54 14.11
CA LYS A 202 -15.14 -1.23 15.39
C LYS A 202 -14.43 -0.46 16.48
N PRO A 203 -13.34 0.26 16.22
CA PRO A 203 -12.65 0.94 17.33
C PRO A 203 -13.53 1.89 18.11
N SER A 204 -14.54 2.48 17.46
CA SER A 204 -15.44 3.41 18.10
C SER A 204 -16.83 2.83 18.34
N ASN A 205 -17.01 1.53 18.08
CA ASN A 205 -18.34 0.89 18.12
C ASN A 205 -19.37 1.68 17.33
N THR A 206 -18.98 2.16 16.14
CA THR A 206 -19.85 2.94 15.27
C THR A 206 -20.28 2.07 14.09
N LYS A 207 -21.59 1.85 13.97
CA LYS A 207 -22.16 1.16 12.82
C LYS A 207 -23.26 2.06 12.26
N VAL A 208 -23.27 2.24 10.94
CA VAL A 208 -24.27 3.07 10.26
C VAL A 208 -24.72 2.35 9.00
N ASP A 209 -26.04 2.32 8.76
CA ASP A 209 -26.63 1.85 7.50
C ASP A 209 -27.22 3.08 6.81
N LYS A 210 -26.62 3.51 5.71
CA LYS A 210 -26.98 4.77 5.06
C LYS A 210 -27.61 4.49 3.70
N ARG A 211 -28.85 4.94 3.52
CA ARG A 211 -29.49 4.81 2.22
C ARG A 211 -28.98 5.89 1.29
N VAL A 212 -28.63 5.48 0.08
CA VAL A 212 -28.15 6.36 -0.98
C VAL A 212 -29.25 6.46 -2.02
N GLU A 213 -29.89 7.65 -2.13
CA GLU A 213 -31.01 7.91 -3.02
C GLU A 213 -30.56 8.79 -4.19
N PRO A 214 -31.22 8.70 -5.34
CA PRO A 214 -31.05 9.75 -6.37
C PRO A 214 -31.29 11.17 -5.85
N ASP B 1 26.33 5.24 0.81
CA ASP B 1 25.65 3.92 0.83
C ASP B 1 25.58 3.36 -0.58
N VAL B 2 25.55 2.04 -0.70
CA VAL B 2 25.41 1.41 -1.99
C VAL B 2 23.98 1.59 -2.50
N VAL B 3 23.85 2.03 -3.73
CA VAL B 3 22.55 2.25 -4.36
C VAL B 3 22.21 1.05 -5.24
N MET B 4 21.02 0.48 -5.02
CA MET B 4 20.53 -0.62 -5.84
C MET B 4 19.43 -0.05 -6.74
N THR B 5 19.64 -0.10 -8.05
CA THR B 5 18.74 0.49 -9.02
C THR B 5 17.97 -0.62 -9.74
N GLN B 6 16.67 -0.69 -9.49
CA GLN B 6 15.82 -1.67 -10.15
C GLN B 6 15.03 -1.08 -11.30
N THR B 7 14.96 -1.84 -12.38
CA THR B 7 14.15 -1.47 -13.53
C THR B 7 13.51 -2.73 -14.09
N PRO B 8 12.36 -2.60 -14.76
CA PRO B 8 11.50 -1.41 -14.78
C PRO B 8 10.85 -1.26 -13.42
N LEU B 9 10.19 -0.12 -13.17
CA LEU B 9 9.44 0.00 -11.93
C LEU B 9 8.20 -0.88 -11.90
N THR B 10 7.56 -1.07 -13.06
CA THR B 10 6.44 -1.99 -13.22
C THR B 10 6.65 -2.79 -14.49
N LEU B 11 6.41 -4.09 -14.39
CA LEU B 11 6.46 -5.00 -15.53
C LEU B 11 5.09 -5.62 -15.69
N SER B 12 4.49 -5.44 -16.88
CA SER B 12 3.19 -6.01 -17.20
C SER B 12 3.38 -7.36 -17.85
N VAL B 13 3.03 -8.41 -17.13
CA VAL B 13 3.37 -9.76 -17.51
C VAL B 13 2.10 -10.48 -17.98
N THR B 14 2.31 -11.65 -18.57
CA THR B 14 1.27 -12.51 -19.08
C THR B 14 1.48 -13.91 -18.53
N ILE B 15 0.42 -14.49 -17.97
CA ILE B 15 0.50 -15.85 -17.47
C ILE B 15 0.95 -16.77 -18.59
N GLY B 16 1.95 -17.60 -18.31
CA GLY B 16 2.49 -18.52 -19.30
C GLY B 16 3.63 -17.97 -20.15
N GLN B 17 3.99 -16.71 -19.99
CA GLN B 17 5.04 -16.09 -20.76
C GLN B 17 6.22 -15.69 -19.87
N PRO B 18 7.41 -15.51 -20.43
CA PRO B 18 8.57 -15.19 -19.60
C PRO B 18 8.55 -13.75 -19.09
N ALA B 19 9.31 -13.53 -18.01
CA ALA B 19 9.53 -12.21 -17.45
C ALA B 19 11.01 -12.06 -17.08
N SER B 20 11.51 -10.82 -17.12
CA SER B 20 12.89 -10.53 -16.73
C SER B 20 12.92 -9.16 -16.07
N ILE B 21 13.62 -9.05 -14.94
CA ILE B 21 13.76 -7.78 -14.25
C ILE B 21 15.21 -7.58 -13.83
N SER B 22 15.61 -6.32 -13.67
CA SER B 22 17.03 -5.99 -13.53
C SER B 22 17.30 -5.23 -12.24
N CYS B 23 18.47 -5.46 -11.65
CA CYS B 23 18.91 -4.75 -10.46
C CYS B 23 20.39 -4.48 -10.60
N LYS B 24 20.80 -3.22 -10.55
CA LYS B 24 22.20 -2.83 -10.73
C LYS B 24 22.70 -2.13 -9.48
N SER B 25 23.89 -2.53 -9.03
N SER B 25 23.87 -2.53 -8.99
CA SER B 25 24.52 -1.97 -7.85
CA SER B 25 24.44 -1.95 -7.78
C SER B 25 25.50 -0.86 -8.24
C SER B 25 25.54 -0.95 -8.12
N SER B 26 25.60 0.14 -7.36
CA SER B 26 26.64 1.15 -7.55
C SER B 26 28.04 0.70 -7.15
N GLN B 27 28.18 -0.42 -6.45
CA GLN B 27 29.47 -0.95 -6.09
C GLN B 27 29.45 -2.46 -6.31
N SER B 28 30.63 -2.98 -6.64
CA SER B 28 30.82 -4.43 -6.61
C SER B 28 30.30 -5.01 -5.31
N LEU B 29 29.60 -6.15 -5.43
CA LEU B 29 29.08 -6.83 -4.25
C LEU B 29 29.87 -8.09 -3.95
N LEU B 30 30.96 -8.31 -4.66
CA LEU B 30 31.87 -9.42 -4.38
C LEU B 30 32.61 -9.15 -3.09
N ASP B 31 32.47 -10.03 -2.13
CA ASP B 31 33.15 -9.89 -0.86
C ASP B 31 34.49 -10.63 -0.90
N SER B 32 35.31 -10.39 0.13
CA SER B 32 36.66 -10.93 0.14
C SER B 32 36.68 -12.43 0.37
N ASP B 33 35.56 -13.02 0.79
CA ASP B 33 35.43 -14.47 0.90
C ASP B 33 34.95 -15.13 -0.39
N GLY B 34 34.79 -14.36 -1.46
CA GLY B 34 34.35 -14.91 -2.73
C GLY B 34 32.85 -14.92 -2.95
N LYS B 35 32.08 -14.64 -1.92
CA LYS B 35 30.64 -14.66 -2.07
C LYS B 35 30.14 -13.29 -2.51
N THR B 36 29.02 -13.29 -3.21
CA THR B 36 28.35 -12.06 -3.63
C THR B 36 26.99 -12.02 -2.95
N TYR B 37 26.83 -11.15 -1.95
CA TYR B 37 25.65 -11.15 -1.10
C TYR B 37 24.54 -10.32 -1.72
N LEU B 38 23.98 -10.87 -2.78
CA LEU B 38 22.87 -10.30 -3.53
C LEU B 38 21.69 -11.25 -3.44
N ILE B 39 20.55 -10.74 -2.99
CA ILE B 39 19.34 -11.55 -2.85
C ILE B 39 18.17 -10.88 -3.54
N TRP B 40 17.16 -11.71 -3.84
CA TRP B 40 15.90 -11.27 -4.40
C TRP B 40 14.77 -11.72 -3.49
N LEU B 41 13.86 -10.80 -3.20
CA LEU B 41 12.69 -11.01 -2.34
C LEU B 41 11.42 -10.73 -3.12
N LEU B 42 10.37 -11.51 -2.84
CA LEU B 42 9.03 -11.23 -3.35
C LEU B 42 8.12 -10.86 -2.20
N GLN B 43 7.43 -9.74 -2.34
CA GLN B 43 6.41 -9.33 -1.39
C GLN B 43 5.06 -9.40 -2.11
N ARG B 44 4.30 -10.44 -1.79
CA ARG B 44 2.97 -10.56 -2.35
C ARG B 44 2.05 -9.54 -1.67
N PRO B 45 0.98 -9.11 -2.34
CA PRO B 45 0.16 -8.07 -1.74
C PRO B 45 -0.44 -8.51 -0.41
N GLY B 46 -0.30 -7.63 0.58
CA GLY B 46 -0.82 -7.86 1.91
C GLY B 46 0.00 -8.80 2.76
N GLN B 47 1.18 -9.21 2.30
CA GLN B 47 2.01 -10.20 2.98
C GLN B 47 3.37 -9.63 3.30
N SER B 48 4.09 -10.34 4.18
CA SER B 48 5.48 -10.02 4.43
C SER B 48 6.35 -10.50 3.25
N PRO B 49 7.55 -9.95 3.11
CA PRO B 49 8.48 -10.41 2.07
C PRO B 49 8.89 -11.85 2.30
N LYS B 50 9.27 -12.52 1.21
CA LYS B 50 9.82 -13.86 1.21
C LYS B 50 11.05 -13.87 0.32
N ARG B 51 12.12 -14.51 0.77
CA ARG B 51 13.32 -14.62 -0.07
C ARG B 51 13.13 -15.70 -1.10
N LEU B 52 13.48 -15.39 -2.35
CA LEU B 52 13.44 -16.38 -3.42
C LEU B 52 14.80 -16.84 -3.90
N ILE B 53 15.74 -15.92 -4.06
CA ILE B 53 17.06 -16.21 -4.61
C ILE B 53 18.09 -15.54 -3.71
N TYR B 54 19.21 -16.23 -3.49
CA TYR B 54 20.28 -15.65 -2.68
C TYR B 54 21.63 -16.02 -3.28
N LEU B 55 22.64 -15.22 -2.93
CA LEU B 55 23.99 -15.42 -3.51
C LEU B 55 23.89 -15.47 -5.04
N VAL B 56 23.15 -14.50 -5.58
CA VAL B 56 22.96 -14.23 -7.01
C VAL B 56 22.05 -15.24 -7.69
N SER B 57 22.30 -16.52 -7.49
CA SER B 57 21.68 -17.54 -8.32
C SER B 57 21.08 -18.74 -7.59
N LYS B 58 21.18 -18.81 -6.27
CA LYS B 58 20.72 -19.97 -5.53
C LYS B 58 19.26 -19.80 -5.16
N LEU B 59 18.45 -20.80 -5.46
CA LEU B 59 17.03 -20.76 -5.11
C LEU B 59 16.81 -21.21 -3.68
N ASP B 60 15.97 -20.47 -2.97
CA ASP B 60 15.52 -20.92 -1.66
C ASP B 60 14.68 -22.21 -1.77
N SER B 61 14.61 -22.94 -0.66
CA SER B 61 13.85 -24.18 -0.62
C SER B 61 12.40 -23.91 -0.99
N GLY B 62 11.84 -24.78 -1.83
CA GLY B 62 10.46 -24.65 -2.24
C GLY B 62 10.20 -23.68 -3.37
N VAL B 63 11.17 -22.88 -3.78
CA VAL B 63 10.96 -21.91 -4.86
C VAL B 63 10.94 -22.66 -6.18
N PRO B 64 9.95 -22.42 -7.04
CA PRO B 64 9.85 -23.15 -8.31
C PRO B 64 11.05 -22.91 -9.21
N ASP B 65 11.39 -23.95 -9.98
CA ASP B 65 12.47 -23.95 -10.96
C ASP B 65 12.27 -22.93 -12.08
N ARG B 66 11.08 -22.37 -12.23
CA ARG B 66 10.87 -21.34 -13.23
C ARG B 66 11.64 -20.07 -12.92
N PHE B 67 12.12 -19.92 -11.68
CA PHE B 67 12.92 -18.75 -11.31
C PHE B 67 14.40 -19.02 -11.54
N THR B 68 15.10 -18.04 -12.11
CA THR B 68 16.55 -18.09 -12.17
C THR B 68 17.12 -16.70 -11.86
N GLY B 69 18.27 -16.70 -11.20
CA GLY B 69 18.98 -15.46 -10.92
C GLY B 69 20.34 -15.50 -11.58
N SER B 70 20.78 -14.35 -12.08
CA SER B 70 22.10 -14.26 -12.68
C SER B 70 22.75 -12.93 -12.36
N GLY B 71 24.05 -12.87 -12.61
CA GLY B 71 24.79 -11.65 -12.39
C GLY B 71 26.06 -11.57 -13.18
N SER B 72 26.39 -10.35 -13.63
CA SER B 72 27.65 -10.07 -14.30
C SER B 72 28.16 -8.76 -13.73
N GLY B 73 29.22 -8.82 -12.94
CA GLY B 73 29.68 -7.61 -12.26
C GLY B 73 28.60 -7.06 -11.34
N THR B 74 28.22 -5.80 -11.54
CA THR B 74 27.20 -5.18 -10.73
C THR B 74 25.80 -5.27 -11.35
N ASP B 75 25.62 -6.05 -12.43
CA ASP B 75 24.35 -6.14 -13.15
C ASP B 75 23.70 -7.48 -12.81
N PHE B 76 22.56 -7.45 -12.12
CA PHE B 76 21.83 -8.64 -11.69
C PHE B 76 20.48 -8.75 -12.37
N THR B 77 20.06 -9.98 -12.65
CA THR B 77 18.81 -10.26 -13.34
C THR B 77 18.06 -11.39 -12.65
N LEU B 78 16.76 -11.21 -12.48
CA LEU B 78 15.85 -12.27 -12.07
C LEU B 78 14.96 -12.59 -13.27
N LYS B 79 14.85 -13.88 -13.62
CA LYS B 79 14.04 -14.31 -14.76
C LYS B 79 13.02 -15.33 -14.30
N ILE B 80 11.84 -15.28 -14.90
CA ILE B 80 10.79 -16.29 -14.72
C ILE B 80 10.51 -16.87 -16.10
N SER B 81 10.62 -18.19 -16.22
CA SER B 81 10.49 -18.80 -17.56
C SER B 81 9.05 -18.72 -18.07
N ARG B 82 8.09 -18.97 -17.19
CA ARG B 82 6.67 -18.89 -17.52
C ARG B 82 5.96 -18.36 -16.28
N VAL B 83 5.41 -17.15 -16.37
CA VAL B 83 4.80 -16.54 -15.21
C VAL B 83 3.55 -17.29 -14.78
N GLU B 84 3.38 -17.43 -13.46
CA GLU B 84 2.17 -17.95 -12.86
C GLU B 84 1.58 -16.91 -11.91
N ALA B 85 0.30 -17.10 -11.56
CA ALA B 85 -0.40 -16.08 -10.80
C ALA B 85 0.25 -15.81 -9.44
N GLU B 86 0.83 -16.84 -8.83
CA GLU B 86 1.45 -16.67 -7.52
C GLU B 86 2.73 -15.86 -7.57
N ASP B 87 3.22 -15.53 -8.77
CA ASP B 87 4.43 -14.74 -8.94
C ASP B 87 4.17 -13.24 -8.86
N LEU B 88 2.91 -12.81 -8.88
CA LEU B 88 2.58 -11.40 -8.89
C LEU B 88 2.87 -10.76 -7.54
N GLY B 89 3.37 -9.54 -7.58
CA GLY B 89 3.72 -8.81 -6.38
C GLY B 89 4.88 -7.89 -6.67
N VAL B 90 5.59 -7.49 -5.63
CA VAL B 90 6.74 -6.58 -5.76
C VAL B 90 8.01 -7.35 -5.45
N TYR B 91 8.96 -7.26 -6.38
CA TYR B 91 10.27 -7.89 -6.25
C TYR B 91 11.28 -6.84 -5.79
N TYR B 92 11.99 -7.14 -4.71
CA TYR B 92 13.07 -6.31 -4.22
C TYR B 92 14.39 -7.04 -4.33
N CYS B 93 15.41 -6.35 -4.83
CA CYS B 93 16.76 -6.86 -4.64
C CYS B 93 17.37 -6.18 -3.41
N CYS B 94 18.34 -6.85 -2.81
CA CYS B 94 18.93 -6.38 -1.56
C CYS B 94 20.37 -6.83 -1.55
N GLN B 95 21.26 -5.95 -1.10
CA GLN B 95 22.65 -6.31 -0.96
C GLN B 95 23.07 -6.32 0.51
N GLY B 96 23.85 -7.34 0.87
CA GLY B 96 24.37 -7.52 2.20
C GLY B 96 25.87 -7.63 2.25
N THR B 97 26.56 -7.03 1.30
CA THR B 97 28.02 -6.99 1.31
C THR B 97 28.58 -5.78 2.04
N HIS B 98 27.97 -4.62 1.84
CA HIS B 98 28.47 -3.37 2.37
C HIS B 98 27.47 -2.79 3.34
N PHE B 99 27.98 -2.26 4.44
CA PHE B 99 27.12 -1.60 5.41
C PHE B 99 26.90 -0.13 5.03
N PRO B 100 25.66 0.37 5.17
CA PRO B 100 24.44 -0.35 5.58
C PRO B 100 23.91 -1.19 4.45
N PHE B 101 23.27 -2.30 4.79
CA PHE B 101 22.60 -3.09 3.78
C PHE B 101 21.49 -2.25 3.14
N THR B 102 21.28 -2.45 1.84
CA THR B 102 20.36 -1.60 1.11
C THR B 102 19.50 -2.41 0.15
N PHE B 103 18.32 -1.86 -0.12
CA PHE B 103 17.30 -2.44 -0.97
C PHE B 103 17.10 -1.57 -2.20
N GLY B 104 16.70 -2.20 -3.30
CA GLY B 104 16.16 -1.45 -4.42
C GLY B 104 14.76 -0.97 -4.10
N VAL B 105 14.22 -0.15 -5.00
CA VAL B 105 12.91 0.44 -4.76
C VAL B 105 11.74 -0.50 -5.03
N GLY B 106 12.00 -1.66 -5.62
CA GLY B 106 11.00 -2.63 -5.98
C GLY B 106 10.57 -2.55 -7.43
N THR B 107 10.34 -3.72 -8.04
CA THR B 107 9.69 -3.83 -9.34
C THR B 107 8.35 -4.54 -9.13
N LYS B 108 7.25 -3.89 -9.51
CA LYS B 108 5.93 -4.51 -9.42
C LYS B 108 5.63 -5.34 -10.66
N LEU B 109 5.23 -6.59 -10.48
CA LEU B 109 4.72 -7.41 -11.58
C LEU B 109 3.20 -7.37 -11.50
N GLU B 110 2.56 -6.88 -12.56
CA GLU B 110 1.11 -6.78 -12.65
C GLU B 110 0.71 -7.51 -13.94
N LEU B 111 -0.57 -7.77 -14.13
CA LEU B 111 -1.04 -8.45 -15.33
C LEU B 111 -1.34 -7.50 -16.49
N LYS B 112 -0.83 -7.83 -17.65
CA LYS B 112 -1.21 -7.11 -18.85
C LYS B 112 -2.64 -7.47 -19.25
N ARG B 113 -3.36 -6.50 -19.80
CA ARG B 113 -4.64 -6.73 -20.45
C ARG B 113 -4.81 -5.66 -21.53
N THR B 114 -5.91 -5.76 -22.30
CA THR B 114 -6.15 -4.77 -23.36
C THR B 114 -6.46 -3.42 -22.73
N VAL B 115 -6.11 -2.37 -23.46
CA VAL B 115 -6.39 -1.01 -22.98
C VAL B 115 -7.87 -0.84 -22.75
N ALA B 116 -8.22 -0.25 -21.60
CA ALA B 116 -9.61 0.02 -21.25
C ALA B 116 -9.71 1.44 -20.70
N ALA B 117 -10.50 2.27 -21.37
CA ALA B 117 -10.73 3.63 -20.89
C ALA B 117 -11.53 3.60 -19.60
N PRO B 118 -11.26 4.53 -18.67
CA PRO B 118 -12.14 4.64 -17.50
C PRO B 118 -13.51 5.16 -17.84
N SER B 119 -14.50 4.69 -17.08
CA SER B 119 -15.78 5.36 -16.98
C SER B 119 -15.67 6.39 -15.85
N VAL B 120 -16.04 7.62 -16.15
CA VAL B 120 -15.78 8.73 -15.24
C VAL B 120 -17.08 9.26 -14.68
N PHE B 121 -17.08 9.50 -13.36
CA PHE B 121 -18.25 10.03 -12.67
C PHE B 121 -17.81 11.12 -11.71
N ILE B 122 -18.64 12.17 -11.57
CA ILE B 122 -18.40 13.22 -10.59
C ILE B 122 -19.59 13.31 -9.64
N PHE B 123 -19.29 13.52 -8.36
CA PHE B 123 -20.29 13.60 -7.31
C PHE B 123 -20.12 14.90 -6.55
N PRO B 124 -21.12 15.77 -6.56
CA PRO B 124 -21.11 16.95 -5.71
C PRO B 124 -21.15 16.55 -4.25
N PRO B 125 -20.76 17.45 -3.34
CA PRO B 125 -21.01 17.20 -1.92
C PRO B 125 -22.49 17.03 -1.62
N SER B 126 -22.78 16.15 -0.67
CA SER B 126 -24.14 15.96 -0.21
C SER B 126 -24.60 17.15 0.63
N ASP B 127 -25.92 17.34 0.67
CA ASP B 127 -26.47 18.36 1.55
C ASP B 127 -26.13 18.05 3.00
N GLU B 128 -26.16 16.77 3.40
CA GLU B 128 -25.78 16.40 4.76
C GLU B 128 -24.39 16.92 5.09
N GLN B 129 -23.43 16.72 4.19
CA GLN B 129 -22.08 17.15 4.48
C GLN B 129 -21.98 18.67 4.56
N LEU B 130 -22.63 19.37 3.62
CA LEU B 130 -22.58 20.82 3.63
C LEU B 130 -23.12 21.37 4.95
N LYS B 131 -24.24 20.82 5.44
CA LYS B 131 -24.73 21.26 6.75
C LYS B 131 -23.70 21.06 7.85
N SER B 132 -22.86 20.04 7.74
CA SER B 132 -21.83 19.76 8.73
C SER B 132 -20.64 20.70 8.61
N GLY B 133 -20.55 21.47 7.53
CA GLY B 133 -19.56 22.52 7.41
C GLY B 133 -18.41 22.27 6.46
N THR B 134 -18.35 21.11 5.80
CA THR B 134 -17.29 20.82 4.85
C THR B 134 -17.91 20.40 3.52
N ALA B 135 -17.05 20.32 2.50
CA ALA B 135 -17.47 19.94 1.16
C ALA B 135 -16.40 19.04 0.56
N SER B 136 -16.82 17.85 0.13
CA SER B 136 -15.98 16.91 -0.59
C SER B 136 -16.60 16.67 -1.96
N VAL B 137 -15.80 16.86 -3.01
CA VAL B 137 -16.19 16.58 -4.38
C VAL B 137 -15.39 15.38 -4.83
N VAL B 138 -16.08 14.36 -5.32
CA VAL B 138 -15.46 13.08 -5.64
C VAL B 138 -15.50 12.83 -7.13
N CYS B 139 -14.36 12.46 -7.70
CA CYS B 139 -14.27 12.06 -9.10
C CYS B 139 -13.85 10.60 -9.12
N LEU B 140 -14.65 9.76 -9.78
CA LEU B 140 -14.41 8.33 -9.86
C LEU B 140 -13.99 7.95 -11.27
N LEU B 141 -12.88 7.21 -11.37
CA LEU B 141 -12.43 6.57 -12.60
C LEU B 141 -12.59 5.08 -12.42
N ASN B 142 -13.47 4.46 -13.19
CA ASN B 142 -13.80 3.06 -12.95
C ASN B 142 -13.29 2.13 -14.05
N ASN B 143 -12.62 1.06 -13.61
N ASN B 143 -12.60 1.08 -13.62
CA ASN B 143 -12.27 -0.11 -14.41
CA ASN B 143 -12.29 -0.09 -14.44
C ASN B 143 -11.48 0.25 -15.68
C ASN B 143 -11.49 0.28 -15.69
N PHE B 144 -10.29 0.80 -15.47
CA PHE B 144 -9.41 1.21 -16.54
C PHE B 144 -8.10 0.42 -16.52
N TYR B 145 -7.40 0.48 -17.66
CA TYR B 145 -6.10 -0.19 -17.82
C TYR B 145 -5.41 0.50 -18.99
N PRO B 146 -4.12 0.85 -18.88
CA PRO B 146 -3.21 0.60 -17.76
C PRO B 146 -3.44 1.54 -16.58
N ARG B 147 -2.62 1.39 -15.53
CA ARG B 147 -2.81 2.13 -14.28
C ARG B 147 -2.60 3.63 -14.45
N GLU B 148 -1.72 4.03 -15.35
CA GLU B 148 -1.38 5.45 -15.45
C GLU B 148 -2.60 6.26 -15.87
N ALA B 149 -2.90 7.29 -15.09
CA ALA B 149 -4.05 8.14 -15.36
C ALA B 149 -3.80 9.48 -14.69
N LYS B 150 -4.27 10.55 -15.32
CA LYS B 150 -4.07 11.90 -14.82
C LYS B 150 -5.45 12.52 -14.59
N VAL B 151 -5.66 13.03 -13.37
CA VAL B 151 -6.92 13.63 -12.97
C VAL B 151 -6.63 15.05 -12.52
N GLN B 152 -7.24 16.02 -13.19
CA GLN B 152 -7.06 17.43 -12.88
C GLN B 152 -8.38 18.06 -12.48
N TRP B 153 -8.38 18.72 -11.34
CA TRP B 153 -9.52 19.46 -10.86
C TRP B 153 -9.46 20.92 -11.30
N LYS B 154 -10.59 21.44 -11.74
CA LYS B 154 -10.74 22.87 -11.98
C LYS B 154 -12.01 23.37 -11.32
N VAL B 155 -11.88 24.51 -10.65
CA VAL B 155 -12.98 25.17 -9.96
C VAL B 155 -13.07 26.56 -10.58
N ASP B 156 -14.14 26.82 -11.33
CA ASP B 156 -14.30 28.03 -12.15
C ASP B 156 -13.01 28.30 -12.92
N ASN B 157 -12.48 27.24 -13.52
CA ASN B 157 -11.31 27.26 -14.38
C ASN B 157 -10.01 27.43 -13.62
N ALA B 158 -10.03 27.41 -12.30
CA ALA B 158 -8.81 27.48 -11.52
C ALA B 158 -8.31 26.08 -11.27
N LEU B 159 -7.09 25.79 -11.75
CA LEU B 159 -6.50 24.48 -11.55
C LEU B 159 -6.18 24.31 -10.07
N GLN B 160 -6.62 23.21 -9.50
CA GLN B 160 -6.38 22.91 -8.10
C GLN B 160 -5.08 22.15 -7.97
N SER B 161 -4.19 22.68 -7.15
CA SER B 161 -2.90 22.03 -6.92
C SER B 161 -2.70 21.85 -5.42
N GLY B 162 -2.77 20.61 -4.96
CA GLY B 162 -2.50 20.29 -3.58
C GLY B 162 -3.73 20.14 -2.71
N ASN B 163 -4.91 20.27 -3.30
CA ASN B 163 -6.17 20.32 -2.57
C ASN B 163 -6.98 19.04 -2.68
N SER B 164 -6.41 18.01 -3.30
CA SER B 164 -7.11 16.75 -3.52
C SER B 164 -6.18 15.59 -3.19
N GLN B 165 -6.79 14.43 -2.93
CA GLN B 165 -6.05 13.20 -2.67
C GLN B 165 -6.64 12.09 -3.53
N GLU B 166 -5.76 11.21 -4.03
CA GLU B 166 -6.15 10.05 -4.83
C GLU B 166 -5.99 8.77 -4.03
N SER B 167 -6.84 7.79 -4.35
CA SER B 167 -6.72 6.44 -3.85
C SER B 167 -7.02 5.48 -4.99
N VAL B 168 -6.29 4.37 -5.05
CA VAL B 168 -6.41 3.42 -6.14
C VAL B 168 -6.58 2.01 -5.59
N THR B 169 -7.45 1.24 -6.23
CA THR B 169 -7.60 -0.14 -5.83
C THR B 169 -6.45 -1.00 -6.38
N GLU B 170 -6.30 -2.17 -5.78
CA GLU B 170 -5.47 -3.23 -6.33
C GLU B 170 -6.03 -3.66 -7.68
N GLN B 171 -5.17 -4.22 -8.53
CA GLN B 171 -5.64 -4.76 -9.79
C GLN B 171 -6.76 -5.77 -9.57
N ASP B 172 -7.84 -5.63 -10.34
CA ASP B 172 -9.02 -6.45 -10.14
C ASP B 172 -8.74 -7.92 -10.46
N SER B 173 -9.18 -8.80 -9.56
CA SER B 173 -8.94 -10.24 -9.72
C SER B 173 -9.70 -10.82 -10.92
N LYS B 174 -10.83 -10.22 -11.29
CA LYS B 174 -11.61 -10.72 -12.41
C LYS B 174 -11.17 -10.17 -13.75
N ASP B 175 -11.04 -8.85 -13.87
CA ASP B 175 -10.87 -8.23 -15.19
C ASP B 175 -9.56 -7.48 -15.33
N SER B 176 -8.69 -7.54 -14.32
CA SER B 176 -7.37 -6.93 -14.37
C SER B 176 -7.37 -5.43 -14.57
N THR B 177 -8.46 -4.75 -14.24
CA THR B 177 -8.46 -3.30 -14.29
C THR B 177 -8.15 -2.67 -12.93
N TYR B 178 -8.02 -1.35 -12.96
CA TYR B 178 -7.86 -0.53 -11.79
C TYR B 178 -9.03 0.44 -11.70
N SER B 179 -9.29 0.91 -10.49
CA SER B 179 -10.21 2.01 -10.27
C SER B 179 -9.57 3.02 -9.33
N LEU B 180 -10.01 4.27 -9.45
CA LEU B 180 -9.34 5.37 -8.77
C LEU B 180 -10.36 6.39 -8.34
N SER B 181 -10.19 6.92 -7.13
CA SER B 181 -10.96 8.04 -6.65
C SER B 181 -10.04 9.24 -6.45
N SER B 182 -10.55 10.41 -6.79
CA SER B 182 -9.89 11.66 -6.49
C SER B 182 -10.89 12.52 -5.76
N THR B 183 -10.51 13.00 -4.57
CA THR B 183 -11.39 13.74 -3.68
C THR B 183 -10.81 15.13 -3.44
N LEU B 184 -11.59 16.15 -3.81
CA LEU B 184 -11.26 17.55 -3.61
C LEU B 184 -11.97 17.98 -2.34
N THR B 185 -11.23 18.50 -1.36
CA THR B 185 -11.80 18.97 -0.12
C THR B 185 -11.69 20.48 -0.02
N LEU B 186 -12.82 21.12 0.29
CA LEU B 186 -12.91 22.57 0.51
C LEU B 186 -13.79 22.82 1.75
N SER B 187 -13.62 23.99 2.35
CA SER B 187 -14.59 24.40 3.36
C SER B 187 -15.94 24.69 2.69
N LYS B 188 -17.01 24.58 3.47
CA LYS B 188 -18.33 24.94 2.94
C LYS B 188 -18.34 26.38 2.46
N ALA B 189 -17.75 27.29 3.23
CA ALA B 189 -17.72 28.69 2.81
C ALA B 189 -17.01 28.84 1.47
N ASP B 190 -15.89 28.13 1.29
CA ASP B 190 -15.16 28.17 0.02
C ASP B 190 -15.98 27.56 -1.10
N TYR B 191 -16.62 26.41 -0.85
CA TYR B 191 -17.41 25.73 -1.88
C TYR B 191 -18.48 26.66 -2.45
N GLU B 192 -19.12 27.44 -1.59
CA GLU B 192 -20.25 28.24 -2.00
C GLU B 192 -19.88 29.50 -2.79
N LYS B 193 -18.60 29.82 -2.92
CA LYS B 193 -18.19 31.00 -3.68
C LYS B 193 -17.92 30.69 -5.15
N HIS B 194 -18.05 29.43 -5.58
CA HIS B 194 -17.71 29.04 -6.95
C HIS B 194 -18.86 28.26 -7.56
N LYS B 195 -18.87 28.22 -8.89
CA LYS B 195 -19.97 27.64 -9.65
C LYS B 195 -19.63 26.30 -10.30
N VAL B 196 -18.60 26.26 -11.14
CA VAL B 196 -18.33 25.12 -12.00
C VAL B 196 -17.24 24.26 -11.36
N TYR B 197 -17.58 23.01 -11.05
CA TYR B 197 -16.64 22.04 -10.51
C TYR B 197 -16.41 20.97 -11.57
N ALA B 198 -15.14 20.75 -11.92
CA ALA B 198 -14.82 19.89 -13.05
C ALA B 198 -13.64 19.00 -12.76
N CYS B 199 -13.73 17.72 -13.11
N CYS B 199 -13.75 17.77 -13.26
CA CYS B 199 -12.55 16.86 -13.11
CA CYS B 199 -12.74 16.74 -13.20
C CYS B 199 -12.33 16.36 -14.53
C CYS B 199 -12.38 16.37 -14.63
N GLU B 200 -11.10 16.54 -15.00
CA GLU B 200 -10.64 16.22 -16.35
C GLU B 200 -9.70 15.03 -16.27
N VAL B 201 -10.00 13.99 -17.05
CA VAL B 201 -9.26 12.73 -17.00
C VAL B 201 -8.52 12.52 -18.29
N THR B 202 -7.22 12.25 -18.19
CA THR B 202 -6.37 11.88 -19.31
C THR B 202 -5.96 10.42 -19.12
N HIS B 203 -6.13 9.61 -20.16
CA HIS B 203 -5.82 8.18 -20.08
C HIS B 203 -5.61 7.68 -21.50
N GLN B 204 -4.77 6.64 -21.64
CA GLN B 204 -4.37 6.18 -22.96
C GLN B 204 -5.56 5.62 -23.74
N GLY B 205 -6.61 5.19 -23.04
CA GLY B 205 -7.78 4.68 -23.72
C GLY B 205 -8.76 5.72 -24.19
N LEU B 206 -8.50 6.99 -23.87
CA LEU B 206 -9.32 8.11 -24.30
C LEU B 206 -8.56 8.89 -25.37
N SER B 207 -9.19 9.10 -26.53
CA SER B 207 -8.52 9.80 -27.62
C SER B 207 -8.24 11.25 -27.27
N SER B 208 -9.09 11.85 -26.45
CA SER B 208 -8.87 13.17 -25.90
C SER B 208 -9.41 13.14 -24.47
N PRO B 209 -8.96 14.07 -23.62
CA PRO B 209 -9.38 14.01 -22.21
C PRO B 209 -10.88 14.15 -22.06
N VAL B 210 -11.40 13.47 -21.03
CA VAL B 210 -12.81 13.51 -20.69
C VAL B 210 -13.00 14.40 -19.48
N THR B 211 -13.99 15.30 -19.55
CA THR B 211 -14.29 16.19 -18.44
C THR B 211 -15.71 15.92 -17.97
N LYS B 212 -15.86 15.63 -16.68
CA LYS B 212 -17.15 15.60 -16.01
C LYS B 212 -17.23 16.80 -15.08
N SER B 213 -18.38 17.45 -15.08
CA SER B 213 -18.51 18.70 -14.34
C SER B 213 -19.93 18.86 -13.86
N PHE B 214 -20.11 19.73 -12.87
CA PHE B 214 -21.44 20.18 -12.49
C PHE B 214 -21.39 21.66 -12.11
N ASN B 215 -22.58 22.28 -12.10
CA ASN B 215 -22.76 23.63 -11.58
C ASN B 215 -23.40 23.52 -10.21
N ARG B 216 -22.76 24.09 -9.19
CA ARG B 216 -23.26 24.00 -7.81
C ARG B 216 -24.69 24.53 -7.70
N LYS C 1 30.49 -12.83 7.59
CA LYS C 1 29.60 -11.67 7.56
C LYS C 1 28.15 -12.01 7.81
N HIS C 2 27.73 -13.18 7.33
CA HIS C 2 26.36 -13.61 7.47
C HIS C 2 26.26 -14.98 8.11
N THR C 3 25.15 -15.21 8.79
CA THR C 3 24.89 -16.50 9.37
C THR C 3 23.95 -17.32 8.49
N ASP C 4 23.98 -18.63 8.70
CA ASP C 4 23.14 -19.61 8.02
C ASP C 4 23.31 -19.66 6.52
#